data_2ACH
#
_entry.id   2ACH
#
_cell.length_a   75.300
_cell.length_b   75.300
_cell.length_c   208.000
_cell.angle_alpha   90.00
_cell.angle_beta   90.00
_cell.angle_gamma   90.00
#
_symmetry.space_group_name_H-M   'P 41 21 2'
#
loop_
_entity.id
_entity.type
_entity.pdbx_description
1 polymer 'ALPHA 1-ANTICHYMOTRYPSIN'
2 polymer 'ALPHA 1-ANTICHYMOTRYPSIN'
3 branched beta-D-mannopyranose-(1-4)-2-acetamido-2-deoxy-beta-D-glucopyranose-(1-4)-2-acetamido-2-deoxy-beta-D-glucopyranose
4 branched 2-acetamido-2-deoxy-beta-D-glucopyranose-(1-4)-2-acetamido-2-deoxy-beta-D-glucopyranose
5 non-polymer 'PHOSPHATE ION'
6 water water
#
loop_
_entity_poly.entity_id
_entity_poly.type
_entity_poly.pdbx_seq_one_letter_code
_entity_poly.pdbx_strand_id
1 'polypeptide(L)'
;HPNSPLDEENLTQENQDRGTHVDLGLASANVDFAFSLYKQLVLKAPDKNVIFSPLSISTALAFLSLGAHNTTLTEILKGL
KFNLTETSEAEIHQSFQHLLRTLNQSSDELQLSMGNAMFVKEQLSLLDRFTEDAKRLYGSEAFATDFQDSAAAKKLINDY
VKNGTRGKITDLIKDLDSQTMMVLVNYIFFKAKWEMPFDPQDTHQSRFYLSKKKWVMVPMMSLHHLTIPYFRDEELSCTV
VELKYTGNASALFILPDQDKMEEVEAMLLPETLKRWRDSLEFREIGELYLPKFSISRDYNLNDILLQLGIEEAFTSKADL
SGITGARNLAVSQVVHKAVLDVFEEGTEASAATAVKITLL
;
A
2 'polypeptide(L)' SALVETRTIVRFNRPFLMIIVPTDTQNIFFMSKVTNPKQA B
#
loop_
_chem_comp.id
_chem_comp.type
_chem_comp.name
_chem_comp.formula
BMA D-saccharide, beta linking beta-D-mannopyranose 'C6 H12 O6'
NAG D-saccharide, beta linking 2-acetamido-2-deoxy-beta-D-glucopyranose 'C8 H15 N O6'
PO4 non-polymer 'PHOSPHATE ION' 'O4 P -3'
#
# COMPACT_ATOMS: atom_id res chain seq x y z
N LEU A 24 4.25 -3.77 16.74
CA LEU A 24 5.13 -4.81 17.36
C LEU A 24 6.29 -5.15 16.41
N GLY A 25 7.00 -6.22 16.76
CA GLY A 25 8.14 -6.66 15.96
C GLY A 25 7.81 -7.00 14.53
N LEU A 26 6.81 -7.86 14.32
CA LEU A 26 6.43 -8.23 12.97
C LEU A 26 5.73 -7.11 12.22
N ALA A 27 5.63 -5.94 12.85
CA ALA A 27 5.02 -4.77 12.22
C ALA A 27 6.16 -4.03 11.55
N SER A 28 7.35 -4.19 12.11
CA SER A 28 8.57 -3.57 11.58
C SER A 28 9.03 -4.28 10.30
N ALA A 29 8.55 -5.51 10.12
CA ALA A 29 8.85 -6.30 8.93
C ALA A 29 8.06 -5.67 7.82
N ASN A 30 6.76 -5.50 8.08
CA ASN A 30 5.83 -4.90 7.14
C ASN A 30 6.28 -3.52 6.70
N VAL A 31 6.87 -2.78 7.62
CA VAL A 31 7.36 -1.47 7.29
C VAL A 31 8.57 -1.73 6.43
N ASP A 32 9.40 -2.65 6.85
CA ASP A 32 10.60 -2.93 6.07
C ASP A 32 10.24 -3.31 4.65
N PHE A 33 9.20 -4.14 4.50
CA PHE A 33 8.81 -4.56 3.17
C PHE A 33 8.28 -3.39 2.37
N ALA A 34 7.64 -2.42 3.01
CA ALA A 34 7.15 -1.27 2.26
C ALA A 34 8.30 -0.51 1.61
N PHE A 35 9.29 -0.10 2.39
CA PHE A 35 10.43 0.65 1.85
C PHE A 35 11.30 -0.03 0.78
N SER A 36 11.40 -1.37 0.80
CA SER A 36 12.18 -2.09 -0.21
C SER A 36 11.40 -2.06 -1.51
N LEU A 37 10.08 -2.26 -1.40
CA LEU A 37 9.18 -2.25 -2.53
C LEU A 37 9.23 -0.86 -3.17
N TYR A 38 9.18 0.17 -2.32
CA TYR A 38 9.24 1.54 -2.82
C TYR A 38 10.56 1.75 -3.57
N LYS A 39 11.67 1.48 -2.88
CA LYS A 39 13.01 1.63 -3.47
C LYS A 39 13.09 1.03 -4.87
N GLN A 40 12.43 -0.12 -5.05
CA GLN A 40 12.44 -0.80 -6.36
C GLN A 40 11.57 -0.03 -7.34
N LEU A 41 10.30 0.19 -7.01
CA LEU A 41 9.36 0.91 -7.86
C LEU A 41 9.93 2.23 -8.38
N VAL A 42 10.85 2.82 -7.63
CA VAL A 42 11.44 4.07 -8.02
C VAL A 42 12.59 3.83 -9.00
N LEU A 43 13.35 2.77 -8.77
CA LEU A 43 14.43 2.42 -9.66
C LEU A 43 13.86 2.31 -11.07
N LYS A 44 12.62 1.86 -11.15
CA LYS A 44 11.91 1.69 -12.40
C LYS A 44 11.68 3.06 -13.06
N ALA A 45 10.88 3.92 -12.45
CA ALA A 45 10.62 5.21 -13.05
C ALA A 45 10.73 6.24 -11.95
N PRO A 46 11.95 6.68 -11.68
CA PRO A 46 12.24 7.67 -10.63
C PRO A 46 11.45 8.98 -10.81
N ASP A 47 11.48 9.48 -12.04
CA ASP A 47 10.81 10.70 -12.45
C ASP A 47 9.31 10.76 -12.13
N LYS A 48 8.65 9.60 -12.13
CA LYS A 48 7.22 9.57 -11.88
C LYS A 48 6.78 9.51 -10.43
N ASN A 49 5.51 9.88 -10.22
CA ASN A 49 4.90 9.81 -8.89
C ASN A 49 4.75 8.34 -8.55
N VAL A 50 4.50 8.10 -7.28
CA VAL A 50 4.31 6.76 -6.79
C VAL A 50 3.06 6.76 -5.92
N ILE A 51 2.42 5.61 -5.82
CA ILE A 51 1.28 5.42 -4.96
C ILE A 51 0.92 3.95 -4.97
N PHE A 52 0.93 3.35 -3.78
CA PHE A 52 0.62 1.95 -3.59
C PHE A 52 0.39 1.73 -2.09
N SER A 53 -0.25 0.63 -1.74
CA SER A 53 -0.48 0.35 -0.33
C SER A 53 0.48 -0.77 -0.03
N PRO A 54 1.32 -0.63 1.00
CA PRO A 54 2.21 -1.76 1.24
C PRO A 54 1.46 -2.89 1.93
N LEU A 55 0.62 -2.55 2.91
CA LEU A 55 -0.16 -3.52 3.69
C LEU A 55 -0.93 -4.49 2.83
N SER A 56 -1.53 -3.96 1.77
CA SER A 56 -2.34 -4.80 0.88
C SER A 56 -1.51 -5.86 0.20
N ILE A 57 -0.33 -5.45 -0.24
CA ILE A 57 0.58 -6.36 -0.92
C ILE A 57 1.01 -7.44 0.06
N SER A 58 1.48 -7.03 1.24
CA SER A 58 1.95 -7.97 2.25
C SER A 58 0.89 -9.00 2.68
N THR A 59 -0.36 -8.56 2.79
CA THR A 59 -1.44 -9.46 3.17
C THR A 59 -1.69 -10.50 2.06
N ALA A 60 -1.75 -10.06 0.80
CA ALA A 60 -1.99 -10.98 -0.33
C ALA A 60 -0.91 -12.03 -0.50
N LEU A 61 0.38 -11.67 -0.34
CA LEU A 61 1.47 -12.65 -0.45
C LEU A 61 1.63 -13.50 0.81
N ALA A 62 1.05 -13.04 1.92
CA ALA A 62 1.07 -13.79 3.17
C ALA A 62 -0.05 -14.84 3.02
N PHE A 63 -1.13 -14.42 2.36
CA PHE A 63 -2.30 -15.23 2.08
C PHE A 63 -1.86 -16.36 1.11
N LEU A 64 -1.18 -15.96 0.04
CA LEU A 64 -0.67 -16.89 -0.97
C LEU A 64 0.24 -17.86 -0.25
N SER A 65 1.08 -17.32 0.63
CA SER A 65 2.02 -18.14 1.40
C SER A 65 1.31 -19.17 2.20
N LEU A 66 0.04 -18.92 2.54
CA LEU A 66 -0.74 -19.89 3.31
C LEU A 66 -0.81 -21.19 2.54
N GLY A 67 -0.75 -21.11 1.20
CA GLY A 67 -0.79 -22.29 0.34
C GLY A 67 0.55 -22.82 -0.15
N ALA A 68 1.65 -22.15 0.16
CA ALA A 68 2.97 -22.55 -0.29
C ALA A 68 3.75 -23.50 0.63
N HIS A 69 4.73 -24.20 0.08
CA HIS A 69 5.50 -25.15 0.87
C HIS A 69 6.96 -25.17 0.49
N ASN A 70 7.79 -25.58 1.44
CA ASN A 70 9.22 -25.72 1.20
C ASN A 70 9.97 -24.42 0.85
N THR A 71 10.61 -24.38 -0.31
CA THR A 71 11.35 -23.20 -0.73
C THR A 71 10.42 -22.15 -1.26
N THR A 72 9.46 -22.58 -2.07
CA THR A 72 8.48 -21.64 -2.60
C THR A 72 7.94 -20.83 -1.43
N LEU A 73 7.89 -21.47 -0.24
CA LEU A 73 7.44 -20.86 1.00
C LEU A 73 8.52 -19.95 1.60
N THR A 74 9.70 -20.50 1.88
CA THR A 74 10.79 -19.71 2.45
C THR A 74 10.96 -18.40 1.72
N GLU A 75 11.03 -18.49 0.41
CA GLU A 75 11.20 -17.31 -0.42
C GLU A 75 10.24 -16.18 -0.12
N ILE A 76 8.94 -16.41 -0.36
CA ILE A 76 7.95 -15.37 -0.13
C ILE A 76 8.05 -14.87 1.31
N LEU A 77 8.08 -15.82 2.24
CA LEU A 77 8.14 -15.45 3.62
C LEU A 77 9.44 -14.70 3.93
N LYS A 78 10.36 -14.67 2.98
CA LYS A 78 11.59 -13.93 3.20
C LYS A 78 11.63 -12.68 2.34
N GLY A 79 10.82 -12.68 1.28
CA GLY A 79 10.74 -11.53 0.40
C GLY A 79 9.91 -10.47 1.09
N LEU A 80 9.16 -10.92 2.11
CA LEU A 80 8.30 -10.08 2.93
C LEU A 80 9.03 -9.45 4.11
N LYS A 81 10.32 -9.74 4.22
CA LYS A 81 11.17 -9.23 5.27
C LYS A 81 10.99 -9.82 6.66
N PHE A 82 10.47 -11.05 6.75
CA PHE A 82 10.28 -11.71 8.05
C PHE A 82 11.58 -12.41 8.48
N ASN A 83 11.81 -12.52 9.78
CA ASN A 83 13.02 -13.15 10.33
C ASN A 83 12.66 -14.55 10.85
N LEU A 84 12.61 -15.53 9.94
CA LEU A 84 12.26 -16.90 10.32
C LEU A 84 13.10 -17.47 11.46
N THR A 85 14.33 -16.98 11.60
CA THR A 85 15.20 -17.46 12.68
C THR A 85 14.49 -17.34 14.02
N GLU A 86 13.62 -16.34 14.13
CA GLU A 86 12.89 -16.09 15.36
C GLU A 86 11.38 -16.26 15.22
N THR A 87 10.88 -16.40 14.01
CA THR A 87 9.44 -16.58 13.83
C THR A 87 9.11 -17.81 13.00
N SER A 88 8.12 -18.56 13.47
CA SER A 88 7.66 -19.75 12.75
C SER A 88 6.60 -19.23 11.79
N GLU A 89 6.17 -20.09 10.88
CA GLU A 89 5.16 -19.73 9.91
C GLU A 89 3.78 -19.56 10.57
N ALA A 90 3.55 -20.21 11.71
CA ALA A 90 2.26 -20.09 12.37
C ALA A 90 2.19 -18.74 13.07
N GLU A 91 3.26 -18.33 13.72
CA GLU A 91 3.25 -17.03 14.39
C GLU A 91 2.97 -15.92 13.38
N ILE A 92 3.58 -16.02 12.19
CA ILE A 92 3.42 -15.02 11.14
C ILE A 92 2.00 -14.97 10.64
N HIS A 93 1.44 -16.12 10.34
CA HIS A 93 0.06 -16.15 9.88
C HIS A 93 -0.86 -15.57 10.93
N GLN A 94 -0.57 -15.85 12.20
CA GLN A 94 -1.36 -15.34 13.32
C GLN A 94 -1.28 -13.81 13.36
N SER A 95 -0.08 -13.28 13.16
CA SER A 95 0.14 -11.84 13.15
C SER A 95 -0.86 -11.21 12.19
N PHE A 96 -1.01 -11.83 11.03
CA PHE A 96 -1.92 -11.29 10.05
C PHE A 96 -3.37 -11.36 10.43
N GLN A 97 -3.76 -12.36 11.20
CA GLN A 97 -5.16 -12.43 11.58
C GLN A 97 -5.47 -11.38 12.64
N HIS A 98 -4.57 -11.19 13.60
CA HIS A 98 -4.81 -10.23 14.65
C HIS A 98 -4.92 -8.83 14.07
N LEU A 99 -4.02 -8.55 13.15
CA LEU A 99 -3.97 -7.25 12.51
C LEU A 99 -5.20 -6.96 11.65
N LEU A 100 -5.64 -7.94 10.88
CA LEU A 100 -6.82 -7.75 10.05
C LEU A 100 -8.00 -7.56 10.99
N ARG A 101 -7.95 -8.25 12.12
CA ARG A 101 -8.99 -8.17 13.11
C ARG A 101 -9.07 -6.77 13.71
N THR A 102 -7.91 -6.28 14.15
CA THR A 102 -7.82 -5.00 14.79
C THR A 102 -8.17 -3.78 13.95
N LEU A 103 -7.65 -3.74 12.72
CA LEU A 103 -7.86 -2.57 11.83
C LEU A 103 -9.04 -2.64 10.88
N ASN A 104 -9.67 -3.80 10.78
CA ASN A 104 -10.80 -3.93 9.88
C ASN A 104 -12.05 -3.34 10.53
N GLN A 105 -11.99 -2.08 10.93
CA GLN A 105 -13.14 -1.45 11.57
C GLN A 105 -13.20 0.07 11.42
N SER A 106 -14.23 0.50 10.70
CA SER A 106 -14.49 1.90 10.42
C SER A 106 -15.10 2.61 11.61
N SER A 107 -14.36 3.58 12.15
CA SER A 107 -14.82 4.37 13.27
C SER A 107 -15.96 5.26 12.76
N ASP A 108 -16.23 6.35 13.45
CA ASP A 108 -17.29 7.21 13.02
C ASP A 108 -16.77 8.07 11.87
N GLU A 109 -15.73 8.85 12.18
CA GLU A 109 -15.08 9.78 11.23
C GLU A 109 -13.91 9.20 10.43
N LEU A 110 -13.73 7.89 10.45
CA LEU A 110 -12.66 7.25 9.70
C LEU A 110 -13.08 5.87 9.26
N GLN A 111 -13.15 5.68 7.95
CA GLN A 111 -13.53 4.40 7.39
C GLN A 111 -12.33 3.61 6.94
N LEU A 112 -12.21 2.42 7.48
CA LEU A 112 -11.15 1.48 7.17
C LEU A 112 -11.87 0.20 6.78
N SER A 113 -11.49 -0.40 5.67
CA SER A 113 -12.14 -1.63 5.24
C SER A 113 -11.08 -2.51 4.58
N MET A 114 -11.07 -3.78 4.91
CA MET A 114 -10.10 -4.71 4.31
C MET A 114 -10.81 -5.98 3.89
N GLY A 115 -10.58 -6.47 2.68
CA GLY A 115 -11.26 -7.67 2.27
C GLY A 115 -10.38 -8.63 1.51
N ASN A 116 -10.63 -9.92 1.68
CA ASN A 116 -9.86 -10.95 1.00
C ASN A 116 -10.82 -11.96 0.45
N ALA A 117 -10.63 -12.37 -0.80
CA ALA A 117 -11.50 -13.34 -1.42
C ALA A 117 -10.69 -14.20 -2.38
N MET A 118 -11.13 -15.44 -2.58
CA MET A 118 -10.46 -16.35 -3.49
C MET A 118 -11.38 -16.86 -4.59
N PHE A 119 -11.06 -16.52 -5.82
CA PHE A 119 -11.87 -16.92 -6.94
C PHE A 119 -11.30 -18.21 -7.51
N VAL A 120 -12.03 -19.30 -7.31
CA VAL A 120 -11.60 -20.62 -7.76
C VAL A 120 -12.44 -21.15 -8.89
N LYS A 121 -11.80 -21.70 -9.92
CA LYS A 121 -12.56 -22.26 -11.04
C LYS A 121 -13.29 -23.49 -10.55
N GLU A 122 -14.53 -23.65 -11.01
CA GLU A 122 -15.41 -24.73 -10.61
C GLU A 122 -14.81 -26.14 -10.50
N GLN A 123 -14.13 -26.59 -11.57
CA GLN A 123 -13.54 -27.93 -11.60
C GLN A 123 -12.72 -28.35 -10.38
N LEU A 124 -11.94 -27.40 -9.86
CA LEU A 124 -11.03 -27.62 -8.76
C LEU A 124 -11.56 -27.75 -7.33
N SER A 125 -11.09 -28.80 -6.66
CA SER A 125 -11.41 -29.07 -5.27
C SER A 125 -10.10 -28.80 -4.55
N LEU A 126 -10.17 -27.89 -3.60
CA LEU A 126 -9.00 -27.48 -2.84
C LEU A 126 -8.98 -28.12 -1.49
N LEU A 127 -7.79 -28.45 -1.02
CA LEU A 127 -7.57 -29.04 0.28
C LEU A 127 -8.40 -28.34 1.35
N ASP A 128 -8.83 -29.08 2.36
CA ASP A 128 -9.61 -28.44 3.42
C ASP A 128 -8.77 -27.54 4.31
N ARG A 129 -7.65 -28.06 4.81
CA ARG A 129 -6.71 -27.30 5.65
C ARG A 129 -6.55 -25.88 5.08
N PHE A 130 -6.50 -25.78 3.75
CA PHE A 130 -6.35 -24.52 3.02
C PHE A 130 -7.60 -23.64 3.06
N THR A 131 -8.74 -24.21 2.69
CA THR A 131 -10.01 -23.46 2.72
C THR A 131 -10.34 -22.93 4.12
N GLU A 132 -10.10 -23.75 5.15
CA GLU A 132 -10.33 -23.38 6.55
C GLU A 132 -9.35 -22.30 7.00
N ASP A 133 -8.06 -22.52 6.77
CA ASP A 133 -7.05 -21.54 7.17
C ASP A 133 -7.34 -20.21 6.53
N ALA A 134 -7.86 -20.24 5.30
CA ALA A 134 -8.21 -19.03 4.60
C ALA A 134 -9.27 -18.29 5.40
N LYS A 135 -10.31 -19.03 5.81
CA LYS A 135 -11.42 -18.50 6.59
C LYS A 135 -11.05 -17.89 7.95
N ARG A 136 -10.60 -18.72 8.89
CA ARG A 136 -10.22 -18.24 10.23
C ARG A 136 -9.12 -17.19 10.21
N LEU A 137 -8.02 -17.50 9.51
CA LEU A 137 -6.89 -16.60 9.45
C LEU A 137 -7.03 -15.31 8.67
N TYR A 138 -7.31 -15.40 7.39
CA TYR A 138 -7.41 -14.19 6.62
C TYR A 138 -8.79 -13.67 6.31
N GLY A 139 -9.81 -14.38 6.79
CA GLY A 139 -11.19 -14.00 6.53
C GLY A 139 -11.59 -13.97 5.06
N SER A 140 -10.98 -14.85 4.29
CA SER A 140 -11.24 -14.94 2.85
C SER A 140 -12.61 -15.51 2.50
N GLU A 141 -13.22 -14.92 1.48
CA GLU A 141 -14.51 -15.36 0.98
C GLU A 141 -14.25 -16.16 -0.30
N ALA A 142 -14.88 -17.33 -0.46
CA ALA A 142 -14.66 -18.09 -1.67
C ALA A 142 -15.74 -17.79 -2.71
N PHE A 143 -15.42 -18.04 -3.97
CA PHE A 143 -16.31 -17.83 -5.12
C PHE A 143 -15.96 -18.87 -6.20
N ALA A 144 -16.85 -19.81 -6.48
CA ALA A 144 -16.56 -20.77 -7.54
C ALA A 144 -16.67 -19.95 -8.82
N THR A 145 -15.75 -20.16 -9.75
CA THR A 145 -15.75 -19.36 -10.96
C THR A 145 -15.54 -20.18 -12.21
N ASP A 146 -15.94 -19.62 -13.34
CA ASP A 146 -15.77 -20.29 -14.60
C ASP A 146 -14.69 -19.55 -15.35
N PHE A 147 -13.44 -19.77 -14.95
CA PHE A 147 -12.32 -19.12 -15.62
C PHE A 147 -12.21 -19.62 -17.06
N GLN A 148 -13.14 -20.48 -17.45
CA GLN A 148 -13.17 -21.00 -18.81
C GLN A 148 -13.61 -19.87 -19.75
N ASP A 149 -14.74 -19.23 -19.45
CA ASP A 149 -15.23 -18.10 -20.26
C ASP A 149 -14.68 -16.76 -19.71
N SER A 150 -13.39 -16.51 -19.96
CA SER A 150 -12.69 -15.30 -19.47
C SER A 150 -13.54 -14.05 -19.25
N ALA A 151 -14.29 -13.66 -20.28
CA ALA A 151 -15.18 -12.49 -20.21
C ALA A 151 -15.88 -12.34 -18.86
N ALA A 152 -16.65 -13.38 -18.50
CA ALA A 152 -17.44 -13.41 -17.27
C ALA A 152 -16.65 -13.48 -15.98
N ALA A 153 -15.77 -14.49 -15.89
CA ALA A 153 -14.92 -14.67 -14.71
C ALA A 153 -14.35 -13.31 -14.35
N LYS A 154 -13.82 -12.63 -15.36
CA LYS A 154 -13.27 -11.29 -15.18
C LYS A 154 -14.23 -10.40 -14.42
N LYS A 155 -15.27 -9.92 -15.08
CA LYS A 155 -16.27 -9.02 -14.48
C LYS A 155 -16.59 -9.35 -13.03
N LEU A 156 -16.75 -10.65 -12.77
CA LEU A 156 -17.06 -11.12 -11.43
C LEU A 156 -16.02 -10.61 -10.42
N ILE A 157 -14.72 -10.83 -10.71
CA ILE A 157 -13.66 -10.36 -9.82
C ILE A 157 -13.70 -8.84 -9.66
N ASN A 158 -13.82 -8.13 -10.78
CA ASN A 158 -13.87 -6.67 -10.79
C ASN A 158 -15.02 -6.08 -9.98
N ASP A 159 -16.15 -6.76 -9.91
CA ASP A 159 -17.28 -6.27 -9.11
C ASP A 159 -16.93 -6.36 -7.63
N TYR A 160 -16.40 -7.50 -7.21
CA TYR A 160 -16.00 -7.69 -5.82
C TYR A 160 -15.01 -6.59 -5.39
N VAL A 161 -14.08 -6.23 -6.26
CA VAL A 161 -13.11 -5.19 -5.92
C VAL A 161 -13.77 -3.81 -5.86
N LYS A 162 -14.42 -3.39 -6.94
CA LYS A 162 -15.08 -2.10 -6.98
C LYS A 162 -16.14 -1.99 -5.90
N ASN A 163 -16.83 -3.11 -5.65
CA ASN A 163 -17.86 -3.16 -4.61
C ASN A 163 -17.18 -2.85 -3.27
N GLY A 164 -16.13 -3.60 -2.97
CA GLY A 164 -15.41 -3.37 -1.74
C GLY A 164 -14.67 -2.03 -1.68
N THR A 165 -14.29 -1.45 -2.80
CA THR A 165 -13.62 -0.15 -2.70
C THR A 165 -14.52 1.06 -2.91
N ARG A 166 -15.82 0.87 -2.75
CA ARG A 166 -16.78 1.95 -2.91
C ARG A 166 -16.62 2.72 -4.22
N GLY A 167 -16.42 1.99 -5.31
CA GLY A 167 -16.29 2.60 -6.62
C GLY A 167 -14.95 3.20 -7.02
N LYS A 168 -13.86 2.67 -6.47
CA LYS A 168 -12.56 3.19 -6.82
C LYS A 168 -11.81 2.25 -7.79
N ILE A 169 -11.30 1.14 -7.28
CA ILE A 169 -10.58 0.21 -8.13
C ILE A 169 -11.59 -0.41 -9.06
N THR A 170 -11.50 -0.01 -10.32
CA THR A 170 -12.46 -0.43 -11.30
C THR A 170 -11.91 -1.31 -12.43
N ASP A 171 -10.61 -1.31 -12.62
CA ASP A 171 -10.00 -2.07 -13.70
C ASP A 171 -8.91 -2.99 -13.20
N LEU A 172 -9.11 -3.60 -12.05
CA LEU A 172 -8.07 -4.46 -11.48
C LEU A 172 -7.59 -5.51 -12.47
N ILE A 173 -8.46 -6.49 -12.70
CA ILE A 173 -8.21 -7.56 -13.62
C ILE A 173 -8.68 -6.94 -14.92
N LYS A 174 -7.88 -7.05 -15.97
CA LYS A 174 -8.25 -6.50 -17.24
C LYS A 174 -8.24 -7.62 -18.28
N ASP A 175 -7.41 -8.64 -18.06
CA ASP A 175 -7.33 -9.78 -18.97
C ASP A 175 -7.40 -11.02 -18.09
N LEU A 176 -7.85 -12.16 -18.61
CA LEU A 176 -7.92 -13.37 -17.79
C LEU A 176 -7.60 -14.63 -18.56
N ASP A 177 -6.53 -15.28 -18.13
CA ASP A 177 -6.07 -16.51 -18.77
C ASP A 177 -7.19 -17.55 -18.61
N SER A 178 -7.41 -18.32 -19.66
CA SER A 178 -8.42 -19.38 -19.59
C SER A 178 -7.77 -20.58 -18.89
N GLN A 179 -6.51 -20.40 -18.51
CA GLN A 179 -5.75 -21.42 -17.82
C GLN A 179 -5.66 -21.05 -16.32
N THR A 180 -6.19 -19.89 -15.97
CA THR A 180 -6.18 -19.39 -14.60
C THR A 180 -7.08 -20.22 -13.71
N MET A 181 -6.50 -21.08 -12.88
CA MET A 181 -7.28 -21.93 -11.97
C MET A 181 -7.81 -21.15 -10.78
N MET A 182 -7.07 -20.14 -10.33
CA MET A 182 -7.44 -19.37 -9.15
C MET A 182 -6.88 -17.96 -9.15
N VAL A 183 -7.47 -17.09 -8.35
CA VAL A 183 -7.06 -15.69 -8.18
C VAL A 183 -7.26 -15.29 -6.69
N LEU A 184 -6.25 -14.71 -6.04
CA LEU A 184 -6.39 -14.29 -4.63
C LEU A 184 -6.41 -12.75 -4.59
N VAL A 185 -7.51 -12.18 -4.08
CA VAL A 185 -7.60 -10.72 -4.07
C VAL A 185 -7.65 -10.12 -2.72
N ASN A 186 -7.24 -8.86 -2.66
CA ASN A 186 -7.23 -8.08 -1.44
C ASN A 186 -7.51 -6.61 -1.77
N TYR A 187 -8.41 -5.99 -1.01
CA TYR A 187 -8.69 -4.57 -1.21
C TYR A 187 -8.65 -3.89 0.14
N ILE A 188 -8.38 -2.60 0.12
CA ILE A 188 -8.31 -1.75 1.31
C ILE A 188 -8.88 -0.39 0.90
N PHE A 189 -9.72 0.17 1.77
CA PHE A 189 -10.35 1.46 1.50
C PHE A 189 -10.16 2.37 2.70
N PHE A 190 -9.82 3.62 2.46
CA PHE A 190 -9.60 4.52 3.57
C PHE A 190 -10.31 5.86 3.35
N LYS A 191 -11.24 6.21 4.23
CA LYS A 191 -11.88 7.53 4.10
C LYS A 191 -11.72 8.21 5.44
N ALA A 192 -11.11 9.37 5.47
CA ALA A 192 -10.89 10.07 6.73
C ALA A 192 -10.93 11.58 6.55
N LYS A 193 -11.12 12.30 7.65
CA LYS A 193 -11.17 13.76 7.61
C LYS A 193 -9.99 14.37 8.34
N TRP A 194 -9.65 15.62 8.03
CA TRP A 194 -8.54 16.29 8.70
C TRP A 194 -8.96 16.78 10.09
N GLU A 195 -8.04 16.74 11.06
CA GLU A 195 -8.37 17.21 12.39
C GLU A 195 -8.51 18.71 12.30
N MET A 196 -7.77 19.31 11.37
CA MET A 196 -7.77 20.76 11.13
C MET A 196 -7.82 20.86 9.62
N PRO A 197 -9.03 20.87 9.03
CA PRO A 197 -9.23 20.94 7.58
C PRO A 197 -8.99 22.30 6.97
N PHE A 198 -8.66 22.30 5.68
CA PHE A 198 -8.39 23.52 4.93
C PHE A 198 -9.67 24.23 4.53
N ASP A 199 -9.56 25.53 4.33
CA ASP A 199 -10.70 26.36 3.93
C ASP A 199 -10.71 26.42 2.40
N PRO A 200 -11.63 25.69 1.77
CA PRO A 200 -11.72 25.69 0.30
C PRO A 200 -11.81 27.07 -0.27
N GLN A 201 -12.20 28.02 0.57
CA GLN A 201 -12.33 29.40 0.15
C GLN A 201 -10.94 30.00 -0.06
N ASP A 202 -9.96 29.50 0.69
CA ASP A 202 -8.56 29.95 0.61
C ASP A 202 -7.70 29.18 -0.40
N THR A 203 -8.28 28.19 -1.05
CA THR A 203 -7.52 27.39 -1.98
C THR A 203 -7.27 28.17 -3.25
N HIS A 204 -6.04 28.16 -3.74
CA HIS A 204 -5.70 28.94 -4.91
C HIS A 204 -4.49 28.42 -5.64
N GLN A 205 -4.29 28.91 -6.86
CA GLN A 205 -3.16 28.50 -7.68
C GLN A 205 -1.83 29.02 -7.12
N SER A 206 -0.77 28.25 -7.29
CA SER A 206 0.59 28.61 -6.83
C SER A 206 1.59 27.86 -7.70
N ARG A 207 2.88 28.10 -7.50
CA ARG A 207 3.94 27.41 -8.27
C ARG A 207 4.33 26.11 -7.62
N PHE A 208 4.46 25.04 -8.41
CA PHE A 208 4.91 23.76 -7.88
C PHE A 208 6.14 23.44 -8.69
N TYR A 209 7.29 23.39 -8.04
CA TYR A 209 8.56 23.11 -8.74
C TYR A 209 8.78 21.64 -9.08
N LEU A 210 8.75 21.35 -10.38
CA LEU A 210 8.98 19.99 -10.85
C LEU A 210 10.46 19.77 -10.68
N SER A 211 11.26 20.80 -11.00
CA SER A 211 12.71 20.72 -10.90
C SER A 211 13.34 22.04 -10.41
N LYS A 212 14.66 22.06 -10.37
CA LYS A 212 15.45 23.21 -9.92
C LYS A 212 15.12 24.55 -10.59
N LYS A 213 14.47 24.48 -11.75
CA LYS A 213 14.10 25.68 -12.47
C LYS A 213 12.70 25.58 -13.09
N LYS A 214 12.30 24.39 -13.49
CA LYS A 214 10.99 24.24 -14.12
C LYS A 214 9.84 24.21 -13.12
N TRP A 215 9.24 25.38 -12.94
CA TRP A 215 8.09 25.57 -12.05
C TRP A 215 6.77 25.22 -12.79
N VAL A 216 5.64 25.32 -12.08
CA VAL A 216 4.32 25.06 -12.68
C VAL A 216 3.20 25.61 -11.78
N MET A 217 2.07 25.97 -12.37
CA MET A 217 0.93 26.48 -11.61
C MET A 217 0.13 25.28 -11.11
N VAL A 218 -0.30 25.30 -9.85
CA VAL A 218 -1.04 24.19 -9.25
C VAL A 218 -1.95 24.71 -8.10
N PRO A 219 -3.15 24.09 -7.89
CA PRO A 219 -4.03 24.54 -6.81
C PRO A 219 -3.42 24.22 -5.45
N MET A 220 -2.93 25.26 -4.79
CA MET A 220 -2.30 25.15 -3.49
C MET A 220 -3.34 25.34 -2.38
N MET A 221 -3.41 24.39 -1.44
CA MET A 221 -4.35 24.48 -0.31
C MET A 221 -3.54 25.10 0.81
N SER A 222 -4.07 26.11 1.51
CA SER A 222 -3.29 26.75 2.56
C SER A 222 -3.97 26.91 3.90
N LEU A 223 -3.18 26.86 4.95
CA LEU A 223 -3.70 26.99 6.28
C LEU A 223 -2.74 27.91 6.99
N HIS A 224 -3.21 28.55 8.05
CA HIS A 224 -2.40 29.51 8.78
C HIS A 224 -2.52 29.34 10.29
N HIS A 225 -1.44 29.58 10.99
CA HIS A 225 -1.46 29.52 12.45
C HIS A 225 -2.01 28.25 13.05
N LEU A 226 -1.38 27.15 12.69
CA LEU A 226 -1.78 25.86 13.22
C LEU A 226 -0.64 25.40 14.11
N THR A 227 -0.97 24.56 15.08
CA THR A 227 0.00 23.99 16.00
C THR A 227 -0.13 22.49 15.72
N ILE A 228 0.85 21.99 15.00
CA ILE A 228 0.93 20.59 14.54
C ILE A 228 2.28 19.93 14.87
N PRO A 229 2.34 18.59 14.96
CA PRO A 229 3.59 17.90 15.26
C PRO A 229 4.59 18.03 14.10
N TYR A 230 5.60 18.86 14.31
CA TYR A 230 6.63 19.16 13.32
C TYR A 230 7.96 18.56 13.76
N PHE A 231 8.93 18.60 12.86
CA PHE A 231 10.27 18.11 13.13
C PHE A 231 11.11 18.46 11.94
N ARG A 232 12.36 18.81 12.17
CA ARG A 232 13.24 19.17 11.08
C ARG A 232 14.62 18.61 11.35
N ASP A 233 14.95 17.50 10.70
CA ASP A 233 16.25 16.89 10.93
C ASP A 233 17.19 17.17 9.76
N GLU A 234 18.33 17.75 10.12
CA GLU A 234 19.35 18.16 9.16
C GLU A 234 20.23 17.02 8.64
N GLU A 235 20.59 16.07 9.52
CA GLU A 235 21.44 14.93 9.14
C GLU A 235 20.93 14.22 7.88
N LEU A 236 19.71 14.54 7.50
CA LEU A 236 19.07 13.96 6.33
C LEU A 236 18.61 15.03 5.36
N SER A 237 18.63 16.28 5.82
CA SER A 237 18.22 17.41 5.02
C SER A 237 16.76 17.34 4.56
N CYS A 238 15.83 17.35 5.50
CA CYS A 238 14.39 17.36 5.15
C CYS A 238 13.55 17.82 6.34
N THR A 239 12.26 18.01 6.12
CA THR A 239 11.35 18.46 7.17
C THR A 239 10.17 17.53 7.31
N VAL A 240 9.83 17.17 8.54
CA VAL A 240 8.69 16.31 8.76
C VAL A 240 7.57 17.09 9.48
N VAL A 241 6.37 17.03 8.91
CA VAL A 241 5.18 17.68 9.44
C VAL A 241 4.14 16.60 9.65
N GLU A 242 3.26 16.72 10.65
CA GLU A 242 2.22 15.71 10.85
C GLU A 242 0.81 16.29 10.92
N LEU A 243 -0.08 15.73 10.11
CA LEU A 243 -1.46 16.17 10.07
C LEU A 243 -2.27 14.93 10.46
N LYS A 244 -3.05 15.01 11.53
CA LYS A 244 -3.82 13.84 11.97
C LYS A 244 -5.23 13.84 11.42
N TYR A 245 -5.77 12.65 11.19
CA TYR A 245 -7.14 12.54 10.72
C TYR A 245 -7.93 12.29 11.98
N THR A 246 -9.22 12.61 11.95
CA THR A 246 -10.06 12.35 13.10
C THR A 246 -10.22 10.81 13.16
N GLY A 247 -9.22 10.15 13.73
CA GLY A 247 -9.27 8.72 13.83
C GLY A 247 -7.89 8.22 14.22
N ASN A 248 -7.79 6.92 14.40
CA ASN A 248 -6.54 6.30 14.77
C ASN A 248 -5.60 6.28 13.56
N ALA A 249 -5.61 7.32 12.75
CA ALA A 249 -4.76 7.37 11.55
C ALA A 249 -4.35 8.79 11.28
N SER A 250 -3.11 8.96 10.80
CA SER A 250 -2.58 10.29 10.48
C SER A 250 -1.63 10.20 9.29
N ALA A 251 -1.42 11.33 8.63
CA ALA A 251 -0.54 11.39 7.46
C ALA A 251 0.73 12.14 7.79
N LEU A 252 1.86 11.52 7.53
CA LEU A 252 3.17 12.14 7.78
C LEU A 252 3.72 12.60 6.44
N PHE A 253 3.80 13.92 6.24
CA PHE A 253 4.36 14.46 4.98
C PHE A 253 5.84 14.70 5.20
N ILE A 254 6.68 14.19 4.32
CA ILE A 254 8.12 14.36 4.42
C ILE A 254 8.49 15.27 3.28
N LEU A 255 9.17 16.38 3.58
CA LEU A 255 9.58 17.32 2.53
C LEU A 255 11.09 17.46 2.46
N PRO A 256 11.72 16.82 1.47
CA PRO A 256 13.17 16.95 1.38
C PRO A 256 13.46 18.26 0.66
N ASP A 257 14.66 18.81 0.84
CA ASP A 257 14.98 20.05 0.18
C ASP A 257 15.23 19.80 -1.29
N GLN A 258 15.53 20.87 -2.01
CA GLN A 258 15.81 20.75 -3.44
C GLN A 258 17.10 19.91 -3.50
N ASP A 259 17.09 18.86 -4.32
CA ASP A 259 18.23 17.93 -4.48
C ASP A 259 18.50 16.94 -3.32
N LYS A 260 17.55 16.78 -2.43
CA LYS A 260 17.73 15.85 -1.31
C LYS A 260 16.91 14.57 -1.44
N MET A 261 15.86 14.61 -2.27
CA MET A 261 15.01 13.46 -2.49
C MET A 261 15.77 12.14 -2.57
N GLU A 262 16.78 12.07 -3.42
CA GLU A 262 17.58 10.85 -3.58
C GLU A 262 18.12 10.40 -2.24
N GLU A 263 18.77 11.32 -1.54
CA GLU A 263 19.36 11.02 -0.24
C GLU A 263 18.35 10.53 0.74
N VAL A 264 17.18 11.15 0.74
CA VAL A 264 16.12 10.75 1.65
C VAL A 264 15.56 9.35 1.32
N GLU A 265 15.34 9.05 0.04
CA GLU A 265 14.84 7.74 -0.32
C GLU A 265 15.90 6.68 0.03
N ALA A 266 17.16 7.07 0.00
CA ALA A 266 18.25 6.18 0.35
C ALA A 266 18.12 5.78 1.83
N MET A 267 17.64 6.73 2.63
CA MET A 267 17.49 6.48 4.04
C MET A 267 16.12 6.02 4.49
N LEU A 268 15.27 5.57 3.58
CA LEU A 268 13.94 5.08 3.99
C LEU A 268 14.09 3.69 4.64
N LEU A 269 14.20 3.68 5.96
CA LEU A 269 14.41 2.44 6.70
C LEU A 269 13.42 2.37 7.83
N PRO A 270 13.05 1.15 8.28
CA PRO A 270 12.09 1.15 9.38
C PRO A 270 12.53 2.07 10.53
N GLU A 271 13.84 2.12 10.77
CA GLU A 271 14.42 2.96 11.83
C GLU A 271 14.33 4.48 11.59
N THR A 272 14.63 4.96 10.38
CA THR A 272 14.54 6.40 10.14
C THR A 272 13.11 6.85 10.27
N LEU A 273 12.18 5.91 10.20
CA LEU A 273 10.78 6.23 10.34
C LEU A 273 10.54 6.34 11.85
N LYS A 274 11.01 5.34 12.60
CA LYS A 274 10.88 5.31 14.07
C LYS A 274 11.32 6.64 14.68
N ARG A 275 12.39 7.21 14.10
CA ARG A 275 12.97 8.48 14.53
C ARG A 275 11.99 9.65 14.29
N TRP A 276 11.49 9.78 13.06
CA TRP A 276 10.55 10.83 12.69
C TRP A 276 9.45 10.92 13.72
N ARG A 277 8.87 9.78 14.01
CA ARG A 277 7.75 9.71 14.91
C ARG A 277 8.07 9.94 16.38
N ASP A 278 9.35 10.04 16.72
CA ASP A 278 9.71 10.28 18.11
C ASP A 278 10.02 11.75 18.25
N SER A 279 10.90 12.22 17.35
CA SER A 279 11.35 13.60 17.32
C SER A 279 10.26 14.64 17.03
N LEU A 280 9.10 14.20 16.58
CA LEU A 280 8.02 15.13 16.28
C LEU A 280 7.45 15.90 17.49
N GLU A 281 7.70 17.21 17.57
CA GLU A 281 7.19 18.04 18.68
C GLU A 281 6.25 19.12 18.15
N PHE A 282 5.10 19.26 18.82
CA PHE A 282 4.10 20.26 18.47
C PHE A 282 4.74 21.62 18.36
N ARG A 283 4.19 22.44 17.49
CA ARG A 283 4.73 23.76 17.24
C ARG A 283 3.71 24.53 16.45
N GLU A 284 3.73 25.85 16.61
CA GLU A 284 2.82 26.71 15.88
C GLU A 284 3.58 27.02 14.58
N ILE A 285 2.91 26.75 13.46
CA ILE A 285 3.46 27.03 12.12
C ILE A 285 2.66 28.23 11.64
N GLY A 286 3.36 29.23 11.13
CA GLY A 286 2.71 30.44 10.65
C GLY A 286 1.88 30.19 9.41
N GLU A 287 2.45 29.46 8.45
CA GLU A 287 1.80 29.12 7.18
C GLU A 287 2.17 27.75 6.68
N LEU A 288 1.17 27.02 6.19
CA LEU A 288 1.39 25.69 5.62
C LEU A 288 0.68 25.67 4.28
N TYR A 289 1.36 25.11 3.28
CA TYR A 289 0.84 24.99 1.91
C TYR A 289 0.96 23.54 1.42
N LEU A 290 -0.17 22.93 1.06
CA LEU A 290 -0.23 21.55 0.56
C LEU A 290 -1.12 21.45 -0.69
N PRO A 291 -0.55 21.00 -1.84
CA PRO A 291 -1.30 20.88 -3.09
C PRO A 291 -2.54 20.02 -2.85
N LYS A 292 -3.51 20.15 -3.72
CA LYS A 292 -4.72 19.37 -3.58
C LYS A 292 -4.63 18.39 -4.73
N PHE A 293 -4.21 17.16 -4.46
CA PHE A 293 -4.03 16.21 -5.56
C PHE A 293 -4.88 14.94 -5.61
N SER A 294 -4.90 14.33 -6.77
CA SER A 294 -5.64 13.11 -6.98
C SER A 294 -4.71 12.28 -7.86
N ILE A 295 -4.25 11.10 -7.40
CA ILE A 295 -3.41 10.25 -8.24
C ILE A 295 -3.75 8.75 -8.26
N SER A 296 -3.57 8.15 -9.44
CA SER A 296 -3.80 6.72 -9.73
C SER A 296 -2.55 6.10 -10.36
N ARG A 297 -2.35 4.81 -10.11
CA ARG A 297 -1.22 4.01 -10.60
C ARG A 297 -1.52 2.50 -10.73
N ASP A 298 -1.20 1.91 -11.88
CA ASP A 298 -1.37 0.47 -12.09
C ASP A 298 0.03 -0.10 -11.87
N TYR A 299 0.14 -1.38 -11.59
CA TYR A 299 1.45 -1.99 -11.39
C TYR A 299 1.43 -3.48 -11.72
N ASN A 300 2.51 -3.96 -12.31
CA ASN A 300 2.65 -5.36 -12.59
C ASN A 300 3.84 -5.62 -11.67
N LEU A 301 3.64 -6.39 -10.60
CA LEU A 301 4.72 -6.62 -9.63
C LEU A 301 5.66 -7.83 -9.78
N ASN A 302 5.56 -8.59 -10.88
CA ASN A 302 6.42 -9.77 -11.07
C ASN A 302 7.92 -9.48 -11.00
N ASP A 303 8.38 -8.54 -11.82
CA ASP A 303 9.79 -8.18 -11.81
C ASP A 303 10.18 -7.62 -10.45
N ILE A 304 9.33 -6.81 -9.83
CA ILE A 304 9.65 -6.25 -8.51
C ILE A 304 9.82 -7.34 -7.46
N LEU A 305 8.95 -8.34 -7.52
CA LEU A 305 9.02 -9.45 -6.59
C LEU A 305 10.32 -10.19 -6.83
N LEU A 306 10.64 -10.49 -8.09
CA LEU A 306 11.87 -11.18 -8.45
C LEU A 306 13.10 -10.51 -7.86
N GLN A 307 13.11 -9.17 -7.89
CA GLN A 307 14.23 -8.43 -7.35
C GLN A 307 14.22 -8.59 -5.84
N LEU A 308 13.04 -8.64 -5.26
CA LEU A 308 12.93 -8.83 -3.81
C LEU A 308 13.18 -10.28 -3.37
N GLY A 309 13.59 -11.11 -4.32
CA GLY A 309 13.88 -12.51 -4.04
C GLY A 309 12.71 -13.48 -4.08
N ILE A 310 11.51 -13.04 -4.45
CA ILE A 310 10.37 -13.97 -4.52
C ILE A 310 10.41 -14.50 -5.95
N GLU A 311 11.16 -15.60 -6.12
CA GLU A 311 11.38 -16.22 -7.42
C GLU A 311 10.63 -17.54 -7.76
N GLU A 312 10.96 -18.63 -7.09
CA GLU A 312 10.36 -19.91 -7.37
C GLU A 312 8.86 -19.94 -7.63
N ALA A 313 8.08 -19.18 -6.88
CA ALA A 313 6.62 -19.18 -7.07
C ALA A 313 6.22 -18.89 -8.50
N PHE A 314 7.09 -18.17 -9.22
CA PHE A 314 6.84 -17.82 -10.60
C PHE A 314 7.32 -18.87 -11.59
N THR A 315 8.20 -19.76 -11.12
CA THR A 315 8.84 -20.82 -11.90
C THR A 315 8.09 -22.15 -11.99
N SER A 316 8.48 -23.01 -12.92
CA SER A 316 7.91 -24.36 -13.07
C SER A 316 8.25 -25.23 -11.84
N LYS A 317 9.08 -24.70 -10.96
CA LYS A 317 9.48 -25.37 -9.74
C LYS A 317 8.58 -24.81 -8.63
N ALA A 318 7.37 -24.44 -9.00
CA ALA A 318 6.43 -23.88 -8.04
C ALA A 318 5.88 -24.95 -7.12
N ASP A 319 6.07 -24.75 -5.82
CA ASP A 319 5.58 -25.69 -4.83
C ASP A 319 4.39 -25.10 -4.07
N LEU A 320 3.24 -25.06 -4.72
CA LEU A 320 2.05 -24.54 -4.07
C LEU A 320 1.11 -25.66 -3.61
N SER A 321 1.64 -26.86 -3.37
CA SER A 321 0.82 -27.99 -2.92
C SER A 321 -0.12 -27.71 -1.75
N GLY A 322 0.16 -26.67 -0.97
CA GLY A 322 -0.68 -26.34 0.17
C GLY A 322 -2.11 -26.05 -0.22
N ILE A 323 -2.32 -25.63 -1.47
CA ILE A 323 -3.65 -25.32 -1.99
C ILE A 323 -4.49 -26.55 -2.33
N THR A 324 -4.05 -27.36 -3.31
CA THR A 324 -4.79 -28.57 -3.71
C THR A 324 -4.29 -29.89 -3.14
N GLY A 325 -3.00 -30.13 -3.27
CA GLY A 325 -2.42 -31.36 -2.75
C GLY A 325 -1.44 -31.92 -3.76
N ALA A 326 -1.00 -31.09 -4.69
CA ALA A 326 -0.05 -31.50 -5.73
C ALA A 326 0.62 -30.29 -6.34
N ARG A 327 1.86 -30.48 -6.79
CA ARG A 327 2.64 -29.40 -7.37
C ARG A 327 2.25 -29.13 -8.82
N ASN A 328 1.03 -28.63 -9.01
CA ASN A 328 0.50 -28.31 -10.34
C ASN A 328 0.19 -26.81 -10.53
N LEU A 329 0.14 -26.03 -9.46
CA LEU A 329 -0.16 -24.59 -9.55
C LEU A 329 1.10 -23.76 -9.52
N ALA A 330 1.05 -22.57 -10.11
CA ALA A 330 2.18 -21.65 -10.15
C ALA A 330 1.68 -20.20 -10.37
N VAL A 331 2.47 -19.21 -9.99
CA VAL A 331 2.00 -17.85 -10.12
C VAL A 331 2.35 -17.27 -11.46
N SER A 332 1.39 -16.56 -12.03
CA SER A 332 1.53 -15.94 -13.33
C SER A 332 1.75 -14.45 -13.26
N GLN A 333 0.97 -13.80 -12.40
CA GLN A 333 1.07 -12.38 -12.28
C GLN A 333 0.54 -11.86 -10.95
N VAL A 334 1.08 -10.75 -10.49
CA VAL A 334 0.65 -10.15 -9.26
C VAL A 334 0.61 -8.69 -9.63
N VAL A 335 -0.59 -8.15 -9.86
CA VAL A 335 -0.73 -6.72 -10.22
C VAL A 335 -1.23 -5.91 -9.01
N HIS A 336 -1.17 -4.59 -9.08
CA HIS A 336 -1.62 -3.79 -7.94
C HIS A 336 -2.08 -2.36 -8.29
N LYS A 337 -3.36 -2.04 -8.07
CA LYS A 337 -3.88 -0.69 -8.36
C LYS A 337 -4.21 0.11 -7.11
N ALA A 338 -3.87 1.38 -7.12
CA ALA A 338 -4.09 2.26 -5.98
C ALA A 338 -4.50 3.64 -6.44
N VAL A 339 -5.31 4.31 -5.63
CA VAL A 339 -5.78 5.64 -5.96
C VAL A 339 -5.66 6.45 -4.70
N LEU A 340 -5.34 7.75 -4.83
CA LEU A 340 -5.20 8.61 -3.66
C LEU A 340 -5.61 10.05 -3.94
N ASP A 341 -6.67 10.50 -3.27
CA ASP A 341 -7.16 11.87 -3.38
C ASP A 341 -6.85 12.60 -2.07
N VAL A 342 -6.29 13.79 -2.19
CA VAL A 342 -5.95 14.60 -1.04
C VAL A 342 -6.57 15.96 -1.32
N PHE A 343 -7.63 16.25 -0.60
CA PHE A 343 -8.34 17.50 -0.78
C PHE A 343 -8.36 18.32 0.52
N GLU A 344 -9.05 19.47 0.50
CA GLU A 344 -9.11 20.32 1.67
C GLU A 344 -9.83 19.73 2.87
N GLU A 345 -10.93 19.04 2.60
CA GLU A 345 -11.74 18.44 3.64
C GLU A 345 -11.15 17.17 4.27
N GLY A 346 -10.34 16.46 3.51
CA GLY A 346 -9.75 15.23 4.02
C GLY A 346 -9.02 14.39 2.98
N THR A 347 -9.12 13.07 3.15
CA THR A 347 -8.43 12.13 2.29
C THR A 347 -9.21 10.88 1.98
N GLU A 348 -9.11 10.42 0.75
CA GLU A 348 -9.71 9.15 0.37
C GLU A 348 -8.49 8.43 -0.18
N ALA A 349 -8.42 7.12 -0.07
CA ALA A 349 -7.28 6.32 -0.57
C ALA A 349 -7.79 4.91 -0.75
N SER A 350 -7.18 4.13 -1.62
CA SER A 350 -7.68 2.78 -1.83
C SER A 350 -6.79 1.96 -2.75
N ALA A 351 -6.73 0.65 -2.55
CA ALA A 351 -5.89 -0.19 -3.39
C ALA A 351 -6.33 -1.65 -3.37
N ALA A 352 -5.91 -2.41 -4.39
CA ALA A 352 -6.22 -3.83 -4.49
C ALA A 352 -5.02 -4.57 -5.10
N THR A 353 -4.87 -5.83 -4.66
CA THR A 353 -3.79 -6.71 -5.08
C THR A 353 -4.47 -8.01 -5.47
N ALA A 354 -4.09 -8.56 -6.62
CA ALA A 354 -4.68 -9.79 -7.11
C ALA A 354 -3.61 -10.69 -7.61
N VAL A 355 -3.66 -11.94 -7.19
CA VAL A 355 -2.65 -12.89 -7.62
C VAL A 355 -3.23 -13.86 -8.62
N LYS A 356 -2.64 -13.85 -9.82
CA LYS A 356 -3.02 -14.73 -10.91
C LYS A 356 -2.26 -16.07 -10.77
N ILE A 357 -2.98 -17.14 -10.42
CA ILE A 357 -2.42 -18.50 -10.22
C ILE A 357 -2.76 -19.46 -11.39
N THR A 358 -1.74 -19.79 -12.19
CA THR A 358 -1.90 -20.67 -13.36
C THR A 358 -1.39 -22.08 -13.13
N LEU A 359 -1.96 -23.03 -13.88
CA LEU A 359 -1.59 -24.44 -13.80
C LEU A 359 -0.33 -24.70 -14.61
N LEU A 360 0.67 -25.30 -13.95
CA LEU A 360 1.95 -25.66 -14.54
C LEU A 360 1.75 -26.57 -15.75
N THR B 6 11.98 34.79 11.42
CA THR B 6 10.89 34.68 10.43
C THR B 6 9.94 33.58 10.87
N ARG B 7 8.69 33.66 10.43
CA ARG B 7 7.65 32.70 10.77
C ARG B 7 8.01 31.31 10.26
N THR B 8 7.68 30.29 11.05
CA THR B 8 7.95 28.93 10.62
C THR B 8 6.88 28.66 9.58
N ILE B 9 7.30 28.61 8.32
CA ILE B 9 6.40 28.39 7.20
C ILE B 9 6.74 27.11 6.44
N VAL B 10 5.80 26.19 6.39
CA VAL B 10 6.00 24.93 5.68
C VAL B 10 5.28 25.02 4.33
N ARG B 11 6.02 25.06 3.25
CA ARG B 11 5.33 25.13 1.98
C ARG B 11 5.79 24.03 1.07
N PHE B 12 4.85 23.13 0.79
CA PHE B 12 5.10 21.99 -0.06
C PHE B 12 5.05 22.27 -1.57
N ASN B 13 5.95 23.14 -2.02
CA ASN B 13 6.02 23.50 -3.44
C ASN B 13 7.11 22.77 -4.18
N ARG B 14 7.32 21.52 -3.81
CA ARG B 14 8.28 20.65 -4.46
C ARG B 14 8.03 19.20 -4.08
N PRO B 15 8.43 18.28 -4.95
CA PRO B 15 8.22 16.84 -4.70
C PRO B 15 8.38 16.38 -3.27
N PHE B 16 7.26 15.95 -2.70
CA PHE B 16 7.21 15.47 -1.33
C PHE B 16 6.76 14.00 -1.19
N LEU B 17 7.02 13.42 0.00
CA LEU B 17 6.69 12.03 0.31
C LEU B 17 5.50 12.10 1.24
N MET B 18 4.56 11.16 1.13
CA MET B 18 3.39 11.14 2.01
C MET B 18 3.18 9.73 2.53
N ILE B 19 3.16 9.59 3.85
CA ILE B 19 2.99 8.27 4.43
C ILE B 19 1.78 8.13 5.36
N ILE B 20 0.62 7.71 4.85
CA ILE B 20 -0.55 7.53 5.70
C ILE B 20 -0.36 6.29 6.60
N VAL B 21 -0.11 6.48 7.90
CA VAL B 21 0.06 5.35 8.84
C VAL B 21 -0.91 5.40 10.05
N PRO B 22 -1.24 4.23 10.64
CA PRO B 22 -2.15 4.18 11.78
C PRO B 22 -1.49 4.56 13.09
N THR B 23 -2.32 5.06 14.01
CA THR B 23 -1.90 5.48 15.35
C THR B 23 -1.57 4.23 16.13
N ASP B 24 -2.51 3.29 16.03
CA ASP B 24 -2.49 1.99 16.66
C ASP B 24 -1.51 1.09 15.92
N THR B 25 -0.22 1.39 16.06
CA THR B 25 0.87 0.63 15.43
C THR B 25 1.61 1.35 14.32
N GLN B 26 2.85 0.97 14.16
CA GLN B 26 3.65 1.51 13.09
C GLN B 26 3.52 0.39 12.04
N ASN B 27 2.87 0.76 10.94
CA ASN B 27 2.63 -0.12 9.79
C ASN B 27 2.28 0.94 8.79
N ILE B 28 2.63 0.76 7.51
CA ILE B 28 2.31 1.79 6.53
C ILE B 28 1.06 1.42 5.74
N PHE B 29 0.01 2.23 5.82
CA PHE B 29 -1.19 1.90 5.03
C PHE B 29 -0.89 2.25 3.59
N PHE B 30 -0.75 3.55 3.35
CA PHE B 30 -0.45 4.08 2.03
C PHE B 30 0.88 4.83 2.05
N MET B 31 1.43 5.08 0.88
CA MET B 31 2.68 5.79 0.75
C MET B 31 2.79 6.25 -0.67
N SER B 32 2.95 7.55 -0.87
CA SER B 32 3.09 8.07 -2.21
C SER B 32 4.24 9.07 -2.24
N LYS B 33 4.75 9.36 -3.43
CA LYS B 33 5.80 10.34 -3.64
C LYS B 33 5.16 11.21 -4.73
N VAL B 34 4.81 12.43 -4.38
CA VAL B 34 4.17 13.32 -5.32
C VAL B 34 5.25 14.09 -6.05
N THR B 35 5.45 13.75 -7.30
CA THR B 35 6.45 14.45 -8.08
C THR B 35 5.81 15.60 -8.86
N ASN B 36 4.54 15.43 -9.21
CA ASN B 36 3.80 16.43 -9.97
C ASN B 36 2.31 16.24 -9.69
N PRO B 37 1.69 17.22 -9.01
CA PRO B 37 0.26 17.13 -8.68
C PRO B 37 -0.68 17.05 -9.87
N LYS B 38 -0.48 17.93 -10.83
CA LYS B 38 -1.32 17.99 -12.01
C LYS B 38 -1.08 16.84 -13.00
N GLN B 39 -1.36 15.64 -12.51
CA GLN B 39 -1.22 14.41 -13.28
C GLN B 39 -2.59 14.27 -13.93
N ALA B 40 -3.59 14.38 -13.05
CA ALA B 40 -5.00 14.30 -13.41
C ALA B 40 -5.54 15.72 -13.37
C1 NAG C . 12.02 -29.45 -0.36
C2 NAG C . 11.74 -30.89 -0.80
C3 NAG C . 13.02 -31.66 -0.87
C4 NAG C . 14.03 -30.90 -1.70
C5 NAG C . 14.24 -29.50 -1.19
C6 NAG C . 15.28 -28.73 -2.05
C7 NAG C . 9.59 -31.26 0.26
C8 NAG C . 8.83 -31.90 1.42
N2 NAG C . 10.90 -31.47 0.24
O3 NAG C . 12.75 -32.90 -1.51
O4 NAG C . 15.31 -31.52 -1.60
O5 NAG C . 12.99 -28.82 -1.22
O6 NAG C . 14.95 -28.77 -3.43
O7 NAG C . 8.99 -30.65 -0.62
C1 NAG C . 15.85 -31.98 -2.80
C2 NAG C . 17.26 -32.45 -2.48
C3 NAG C . 17.91 -33.00 -3.74
C4 NAG C . 16.99 -34.17 -4.26
C5 NAG C . 15.59 -33.59 -4.57
C6 NAG C . 14.65 -34.69 -5.07
C7 NAG C . 17.91 -30.85 -0.73
C8 NAG C . 18.83 -29.71 -0.36
N2 NAG C . 18.06 -31.35 -1.97
O3 NAG C . 19.21 -33.40 -3.32
O4 NAG C . 17.42 -34.98 -5.40
O5 NAG C . 15.05 -33.02 -3.38
O6 NAG C . 14.55 -35.73 -4.12
O7 NAG C . 17.11 -31.32 0.07
C1 BMA C . 18.74 -35.55 -5.38
C2 BMA C . 18.93 -36.55 -6.52
C3 BMA C . 20.27 -37.23 -6.30
C4 BMA C . 21.37 -36.16 -6.31
C5 BMA C . 21.07 -35.08 -5.24
C6 BMA C . 22.03 -33.93 -5.36
O2 BMA C . 18.89 -35.91 -7.79
O3 BMA C . 20.53 -38.21 -7.29
O4 BMA C . 22.60 -36.79 -6.01
O5 BMA C . 19.76 -34.57 -5.43
O6 BMA C . 21.65 -32.87 -4.50
C1 NAG D . -13.26 -7.08 7.12
C2 NAG D . -13.48 -8.59 6.98
C3 NAG D . -14.25 -8.82 5.65
C4 NAG D . -15.58 -8.04 5.83
C5 NAG D . -15.30 -6.54 6.04
C6 NAG D . -16.59 -5.79 6.28
C7 NAG D . -11.29 -9.38 6.16
C8 NAG D . -10.04 -10.17 6.53
N2 NAG D . -12.21 -9.30 7.09
O3 NAG D . -14.43 -10.19 5.39
O4 NAG D . -16.50 -8.13 4.73
O5 NAG D . -14.48 -6.38 7.19
O6 NAG D . -17.24 -6.31 7.42
O7 NAG D . -11.43 -8.93 5.02
C1 NAG D . -17.64 -9.00 4.94
C2 NAG D . -18.58 -8.84 3.76
C3 NAG D . -19.74 -9.83 3.92
C4 NAG D . -19.17 -11.26 4.05
C5 NAG D . -18.28 -11.30 5.30
C6 NAG D . -17.69 -12.67 5.57
C7 NAG D . -19.58 -6.79 2.83
C8 NAG D . -20.00 -5.35 3.13
N2 NAG D . -19.05 -7.45 3.84
O3 NAG D . -20.64 -9.79 2.84
O4 NAG D . -20.18 -12.23 4.13
O5 NAG D . -17.21 -10.36 5.12
O6 NAG D . -16.87 -12.65 6.72
O7 NAG D . -19.72 -7.28 1.70
P PO4 E . 6.78 -26.79 4.95
O1 PO4 E . 6.27 -27.39 6.26
O2 PO4 E . 7.74 -25.64 5.26
O3 PO4 E . 7.53 -27.86 4.15
O4 PO4 E . 5.60 -26.26 4.11
#